data_5F90
#
_entry.id   5F90
#
_cell.length_a   53.043
_cell.length_b   72.464
_cell.length_c   94.361
_cell.angle_alpha   90.00
_cell.angle_beta   90.00
_cell.angle_gamma   90.00
#
_symmetry.space_group_name_H-M   'P 21 21 21'
#
loop_
_entity.id
_entity.type
_entity.pdbx_description
1 polymer 'GalNAc/Gal-specific lectin'
2 branched alpha-D-galactopyranose-(1-4)-beta-D-galactopyranose-(1-4)-beta-D-glucopyranose
3 branched alpha-D-galactopyranose-(1-4)-beta-D-galactopyranose
4 non-polymer '(2S)-2-hydroxybutanedioic acid'
5 non-polymer 2-Propen-1-ol
6 water water
#
_entity_poly.entity_id   1
_entity_poly.type   'polypeptide(L)'
_entity_poly.pdbx_seq_one_letter_code
;MTTFLIKHKASGKFLHPYGGSSNPANNTKLVLHSDIHERMYFQFDVVDERWGYIKHVASGKIVHPYGGQANPPNETNMVL
HQDRHDRALFAMDFFNDNIMHKGGKYIHPKGGSPNPPNNTETVIHGDKHAAMEFIFVSPKNKDKRVLVYAHHHHHH
;
_entity_poly.pdbx_strand_id   A,B
#
# COMPACT_ATOMS: atom_id res chain seq x y z
N MET A 1 11.83 -12.71 4.09
CA MET A 1 10.50 -12.30 4.63
C MET A 1 10.15 -10.91 4.10
N THR A 2 8.91 -10.45 4.26
CA THR A 2 7.77 -11.23 4.74
C THR A 2 7.38 -12.20 3.66
N THR A 3 7.18 -13.46 4.02
CA THR A 3 6.75 -14.48 3.05
C THR A 3 5.25 -14.54 3.05
N PHE A 4 4.65 -14.71 1.87
CA PHE A 4 3.21 -14.70 1.75
C PHE A 4 2.73 -15.60 0.62
N LEU A 5 1.46 -15.91 0.66
CA LEU A 5 0.76 -16.56 -0.42
C LEU A 5 0.01 -15.52 -1.20
N ILE A 6 0.00 -15.66 -2.53
CA ILE A 6 -0.77 -14.76 -3.41
C ILE A 6 -2.09 -15.45 -3.70
N LYS A 7 -3.15 -14.94 -3.06
CA LYS A 7 -4.48 -15.60 -3.08
C LYS A 7 -5.46 -14.85 -3.98
N HIS A 8 -5.96 -15.55 -4.97
CA HIS A 8 -6.98 -15.02 -5.85
C HIS A 8 -8.24 -14.81 -5.00
N LYS A 9 -8.70 -13.58 -4.90
CA LYS A 9 -9.71 -13.26 -3.86
C LYS A 9 -11.03 -13.98 -4.09
N ALA A 10 -11.47 -14.01 -5.35
CA ALA A 10 -12.81 -14.55 -5.68
C ALA A 10 -12.87 -16.07 -5.44
N SER A 11 -11.81 -16.80 -5.77
CA SER A 11 -11.83 -18.27 -5.74
C SER A 11 -11.12 -18.91 -4.55
N GLY A 12 -10.19 -18.17 -3.91
CA GLY A 12 -9.35 -18.74 -2.88
C GLY A 12 -8.19 -19.57 -3.40
N LYS A 13 -8.04 -19.67 -4.71
CA LYS A 13 -6.89 -20.38 -5.24
C LYS A 13 -5.64 -19.49 -5.16
N PHE A 14 -4.46 -20.09 -5.28
CA PHE A 14 -3.18 -19.40 -5.10
C PHE A 14 -2.31 -19.39 -6.37
N LEU A 15 -1.45 -18.38 -6.47
CA LEU A 15 -0.48 -18.35 -7.57
C LEU A 15 0.61 -19.41 -7.33
N HIS A 16 0.87 -20.24 -8.35
CA HIS A 16 1.90 -21.27 -8.30
C HIS A 16 2.71 -21.22 -9.61
N PRO A 17 3.98 -21.65 -9.58
CA PRO A 17 4.59 -22.09 -10.87
C PRO A 17 3.88 -23.35 -11.34
N TYR A 18 3.53 -23.42 -12.62
CA TYR A 18 2.90 -24.63 -13.16
C TYR A 18 3.82 -25.82 -12.86
N GLY A 19 3.29 -26.85 -12.21
CA GLY A 19 4.11 -27.99 -11.81
C GLY A 19 4.64 -27.95 -10.39
N GLY A 20 4.68 -26.78 -9.77
CA GLY A 20 5.10 -26.67 -8.39
C GLY A 20 6.57 -26.86 -8.08
N SER A 21 7.46 -26.65 -9.05
CA SER A 21 8.87 -26.93 -8.84
C SER A 21 9.57 -26.00 -7.87
N SER A 22 10.52 -26.53 -7.13
CA SER A 22 11.39 -25.72 -6.28
C SER A 22 12.41 -24.93 -7.11
N ASN A 23 12.62 -25.35 -8.35
CA ASN A 23 13.47 -24.62 -9.30
C ASN A 23 12.90 -24.63 -10.72
N PRO A 24 11.84 -23.86 -10.93
CA PRO A 24 11.19 -23.85 -12.23
C PRO A 24 12.14 -23.28 -13.29
N ALA A 25 12.13 -23.87 -14.48
CA ALA A 25 12.88 -23.30 -15.58
C ALA A 25 12.40 -21.89 -15.88
N ASN A 26 13.29 -21.09 -16.44
CA ASN A 26 12.86 -19.81 -16.98
C ASN A 26 11.69 -19.97 -17.94
N ASN A 27 10.73 -19.05 -17.83
CA ASN A 27 9.52 -18.97 -18.62
C ASN A 27 8.45 -20.00 -18.24
N THR A 28 8.62 -20.64 -17.10
CA THR A 28 7.53 -21.43 -16.52
C THR A 28 6.35 -20.55 -16.25
N LYS A 29 5.18 -20.96 -16.72
CA LYS A 29 3.94 -20.21 -16.49
C LYS A 29 3.50 -20.20 -15.03
N LEU A 30 2.91 -19.07 -14.65
CA LEU A 30 2.27 -18.93 -13.35
C LEU A 30 0.79 -19.17 -13.48
N VAL A 31 0.31 -20.09 -12.68
CA VAL A 31 -1.09 -20.55 -12.74
C VAL A 31 -1.74 -20.37 -11.40
N LEU A 32 -3.06 -20.58 -11.37
CA LEU A 32 -3.79 -20.67 -10.11
C LEU A 32 -4.01 -22.13 -9.75
N HIS A 33 -3.80 -22.46 -8.48
CA HIS A 33 -4.00 -23.81 -7.96
C HIS A 33 -4.34 -23.75 -6.48
N SER A 34 -5.24 -24.64 -6.03
CA SER A 34 -5.67 -24.69 -4.63
C SER A 34 -4.64 -25.17 -3.61
N ASP A 35 -3.60 -25.91 -4.04
CA ASP A 35 -2.63 -26.49 -3.10
C ASP A 35 -1.83 -25.42 -2.37
N ILE A 36 -1.48 -25.70 -1.14
CA ILE A 36 -0.53 -24.93 -0.36
C ILE A 36 0.71 -25.77 -0.06
N HIS A 37 1.89 -25.22 -0.38
CA HIS A 37 3.18 -25.81 -0.06
C HIS A 37 4.29 -24.78 -0.25
N GLU A 38 5.52 -25.11 0.20
CA GLU A 38 6.59 -24.11 0.20
C GLU A 38 7.00 -23.64 -1.21
N ARG A 39 6.64 -24.35 -2.29
CA ARG A 39 6.99 -23.93 -3.64
C ARG A 39 5.97 -22.97 -4.28
N MET A 40 5.01 -22.50 -3.47
CA MET A 40 4.11 -21.43 -3.89
C MET A 40 4.17 -20.22 -2.94
N TYR A 41 5.21 -20.19 -2.09
CA TYR A 41 5.49 -19.02 -1.28
C TYR A 41 6.18 -17.93 -2.12
N PHE A 42 5.83 -16.67 -1.85
CA PHE A 42 6.45 -15.51 -2.50
C PHE A 42 6.95 -14.51 -1.46
N GLN A 43 7.82 -13.63 -1.93
CA GLN A 43 8.28 -12.46 -1.17
C GLN A 43 8.32 -11.30 -2.14
N PHE A 44 8.35 -10.09 -1.63
CA PHE A 44 8.38 -8.88 -2.47
C PHE A 44 9.62 -8.10 -2.13
N ASP A 45 10.44 -7.84 -3.14
CA ASP A 45 11.70 -7.12 -2.99
C ASP A 45 11.51 -5.70 -3.54
N VAL A 46 11.42 -4.72 -2.63
CA VAL A 46 11.18 -3.34 -3.01
C VAL A 46 12.37 -2.79 -3.77
N VAL A 47 12.09 -2.15 -4.91
CA VAL A 47 13.08 -1.46 -5.74
C VAL A 47 12.98 0.05 -5.62
N ASP A 48 11.76 0.57 -5.76
CA ASP A 48 11.51 2.02 -5.81
C ASP A 48 10.09 2.27 -5.30
N GLU A 49 9.99 2.54 -4.00
CA GLU A 49 8.74 2.88 -3.34
C GLU A 49 7.71 1.76 -3.50
N ARG A 50 6.66 1.94 -4.33
CA ARG A 50 5.66 0.87 -4.49
C ARG A 50 6.18 -0.25 -5.38
N TRP A 51 7.19 0.05 -6.22
CA TRP A 51 7.63 -0.87 -7.26
C TRP A 51 8.68 -1.82 -6.77
N GLY A 52 8.50 -3.09 -7.13
CA GLY A 52 9.47 -4.12 -6.75
C GLY A 52 9.29 -5.42 -7.52
N TYR A 53 10.08 -6.41 -7.12
CA TYR A 53 10.03 -7.72 -7.73
C TYR A 53 9.23 -8.69 -6.88
N ILE A 54 8.39 -9.47 -7.54
CA ILE A 54 7.66 -10.55 -6.91
C ILE A 54 8.49 -11.84 -7.03
N LYS A 55 9.05 -12.27 -5.92
CA LYS A 55 10.05 -13.34 -5.91
C LYS A 55 9.47 -14.67 -5.41
N HIS A 56 9.65 -15.70 -6.23
CA HIS A 56 9.36 -17.08 -5.86
C HIS A 56 10.41 -17.54 -4.84
N VAL A 57 10.00 -17.82 -3.62
CA VAL A 57 11.00 -18.04 -2.56
C VAL A 57 11.90 -19.24 -2.84
N ALA A 58 11.30 -20.33 -3.29
CA ALA A 58 12.05 -21.58 -3.44
C ALA A 58 13.18 -21.47 -4.45
N SER A 59 12.97 -20.70 -5.53
CA SER A 59 13.94 -20.62 -6.62
C SER A 59 14.75 -19.32 -6.70
N GLY A 60 14.19 -18.25 -6.12
CA GLY A 60 14.68 -16.88 -6.36
C GLY A 60 14.34 -16.27 -7.69
N LYS A 61 13.65 -16.99 -8.55
CA LYS A 61 13.18 -16.38 -9.79
C LYS A 61 12.03 -15.42 -9.45
N ILE A 62 11.77 -14.50 -10.37
CA ILE A 62 10.75 -13.48 -10.19
C ILE A 62 9.70 -13.45 -11.30
N VAL A 63 8.56 -12.83 -11.01
CA VAL A 63 7.45 -12.74 -11.94
C VAL A 63 7.78 -11.77 -13.06
N HIS A 64 7.52 -12.20 -14.30
CA HIS A 64 7.65 -11.36 -15.48
C HIS A 64 6.42 -11.52 -16.37
N PRO A 65 6.09 -10.50 -17.15
CA PRO A 65 5.29 -10.75 -18.35
C PRO A 65 6.18 -11.47 -19.37
N TYR A 66 5.67 -12.52 -20.02
CA TYR A 66 6.48 -13.25 -20.98
C TYR A 66 6.98 -12.31 -22.05
N GLY A 67 8.28 -12.32 -22.30
CA GLY A 67 8.86 -11.44 -23.30
C GLY A 67 9.45 -10.14 -22.75
N GLY A 68 9.08 -9.77 -21.52
CA GLY A 68 9.67 -8.65 -20.84
C GLY A 68 9.47 -7.28 -21.47
N GLN A 69 8.28 -7.04 -22.02
CA GLN A 69 7.96 -5.74 -22.63
C GLN A 69 7.62 -4.72 -21.56
N ALA A 70 7.87 -3.45 -21.87
CA ALA A 70 7.48 -2.38 -20.93
C ALA A 70 5.98 -2.23 -20.90
N ASN A 71 5.33 -2.48 -22.04
CA ASN A 71 3.89 -2.34 -22.20
C ASN A 71 3.33 -3.63 -22.80
N PRO A 72 3.31 -4.72 -22.00
CA PRO A 72 2.81 -5.97 -22.57
C PRO A 72 1.34 -5.84 -22.95
N PRO A 73 0.94 -6.41 -24.10
CA PRO A 73 -0.48 -6.36 -24.44
C PRO A 73 -1.33 -7.24 -23.57
N ASN A 74 -2.62 -6.97 -23.60
CA ASN A 74 -3.58 -7.85 -22.94
C ASN A 74 -3.34 -9.29 -23.40
N GLU A 75 -3.50 -10.21 -22.46
CA GLU A 75 -3.37 -11.66 -22.64
C GLU A 75 -1.95 -12.19 -22.64
N THR A 76 -0.98 -11.32 -22.44
CA THR A 76 0.42 -11.78 -22.29
C THR A 76 0.54 -12.67 -21.05
N ASN A 77 1.15 -13.85 -21.21
CA ASN A 77 1.26 -14.79 -20.11
C ASN A 77 2.21 -14.29 -19.03
N MET A 78 1.84 -14.56 -17.78
CA MET A 78 2.79 -14.37 -16.69
C MET A 78 3.66 -15.60 -16.52
N VAL A 79 4.94 -15.37 -16.28
CA VAL A 79 5.95 -16.42 -16.09
C VAL A 79 6.92 -16.07 -14.98
N LEU A 80 7.74 -17.05 -14.57
CA LEU A 80 8.90 -16.81 -13.74
C LEU A 80 10.13 -16.73 -14.64
N HIS A 81 11.06 -15.87 -14.28
CA HIS A 81 12.35 -15.77 -15.00
C HIS A 81 13.40 -15.22 -14.00
N GLN A 82 14.67 -15.65 -14.15
CA GLN A 82 15.78 -15.22 -13.30
CA GLN A 82 15.75 -15.21 -13.26
C GLN A 82 16.11 -13.72 -13.42
N ASP A 83 15.86 -13.15 -14.59
CA ASP A 83 16.33 -11.79 -14.90
C ASP A 83 15.69 -10.74 -14.02
N ARG A 84 16.47 -9.73 -13.71
CA ARG A 84 15.98 -8.53 -13.05
C ARG A 84 16.14 -7.36 -14.01
N HIS A 85 15.06 -6.63 -14.24
CA HIS A 85 15.10 -5.40 -15.02
C HIS A 85 13.78 -4.70 -14.76
N ASP A 86 13.60 -3.52 -15.35
CA ASP A 86 12.44 -2.71 -15.04
C ASP A 86 11.12 -3.23 -15.58
N ARG A 87 11.14 -4.21 -16.49
CA ARG A 87 9.89 -4.75 -17.02
C ARG A 87 9.36 -5.87 -16.12
N ALA A 88 10.11 -6.18 -15.05
CA ALA A 88 9.63 -7.11 -14.05
C ALA A 88 9.21 -6.41 -12.74
N LEU A 89 8.97 -5.09 -12.83
CA LEU A 89 8.45 -4.34 -11.71
C LEU A 89 6.94 -4.40 -11.61
N PHE A 90 6.48 -4.68 -10.39
CA PHE A 90 5.07 -4.68 -10.05
C PHE A 90 4.86 -3.89 -8.77
N ALA A 91 3.61 -3.51 -8.54
CA ALA A 91 3.16 -2.93 -7.28
C ALA A 91 2.09 -3.86 -6.70
N MET A 92 2.18 -4.10 -5.40
CA MET A 92 1.25 -4.98 -4.68
C MET A 92 0.25 -4.10 -3.98
N ASP A 93 -0.86 -3.82 -4.66
CA ASP A 93 -1.87 -2.85 -4.17
C ASP A 93 -2.81 -3.55 -3.21
N PHE A 94 -2.45 -3.45 -1.92
CA PHE A 94 -3.17 -4.14 -0.88
C PHE A 94 -4.35 -3.32 -0.38
N PHE A 95 -4.55 -2.13 -1.00
CA PHE A 95 -5.71 -1.30 -0.72
C PHE A 95 -6.87 -1.59 -1.71
N ASN A 96 -6.55 -1.61 -3.00
CA ASN A 96 -7.49 -2.02 -4.03
C ASN A 96 -7.51 -3.53 -4.35
N ASP A 97 -6.59 -4.26 -3.76
CA ASP A 97 -6.47 -5.72 -3.88
C ASP A 97 -6.18 -6.15 -5.29
N ASN A 98 -5.07 -5.64 -5.82
CA ASN A 98 -4.62 -6.10 -7.16
C ASN A 98 -3.11 -6.05 -7.27
N ILE A 99 -2.60 -6.62 -8.36
CA ILE A 99 -1.19 -6.60 -8.65
C ILE A 99 -1.03 -5.92 -10.02
N MET A 100 -0.36 -4.76 -10.01
CA MET A 100 -0.19 -3.96 -11.20
C MET A 100 1.24 -4.01 -11.71
N HIS A 101 1.37 -4.32 -12.98
CA HIS A 101 2.65 -4.22 -13.66
C HIS A 101 3.02 -2.75 -13.91
N LYS A 102 4.32 -2.47 -14.05
CA LYS A 102 4.83 -1.09 -14.25
C LYS A 102 4.17 -0.39 -15.44
N GLY A 103 3.74 -1.14 -16.45
CA GLY A 103 3.04 -0.60 -17.61
C GLY A 103 1.60 -0.22 -17.41
N GLY A 104 1.07 -0.51 -16.22
CA GLY A 104 -0.29 -0.09 -15.83
C GLY A 104 -1.38 -1.15 -15.90
N LYS A 105 -1.07 -2.32 -16.47
CA LYS A 105 -2.02 -3.43 -16.53
C LYS A 105 -1.85 -4.32 -15.30
N TYR A 106 -2.79 -5.26 -15.15
CA TYR A 106 -2.89 -6.07 -13.94
C TYR A 106 -2.74 -7.56 -14.24
N ILE A 107 -2.43 -8.32 -13.19
CA ILE A 107 -2.43 -9.79 -13.29
C ILE A 107 -3.89 -10.27 -13.16
N HIS A 108 -4.29 -11.12 -14.10
CA HIS A 108 -5.65 -11.70 -14.20
C HIS A 108 -5.59 -13.23 -14.37
N PRO A 109 -6.65 -13.95 -13.94
CA PRO A 109 -6.84 -15.29 -14.48
C PRO A 109 -7.18 -15.20 -15.96
N LYS A 110 -6.54 -16.02 -16.76
CA LYS A 110 -6.84 -16.03 -18.19
C LYS A 110 -8.32 -16.28 -18.41
N GLY A 111 -8.95 -15.40 -19.20
CA GLY A 111 -10.36 -15.56 -19.56
C GLY A 111 -11.36 -14.96 -18.60
N GLY A 112 -10.90 -14.54 -17.40
CA GLY A 112 -11.71 -13.74 -16.50
C GLY A 112 -12.64 -14.45 -15.54
N SER A 113 -12.57 -15.78 -15.47
CA SER A 113 -13.45 -16.48 -14.57
C SER A 113 -13.13 -16.13 -13.12
N PRO A 114 -14.17 -15.88 -12.31
CA PRO A 114 -13.99 -15.72 -10.85
C PRO A 114 -13.78 -17.03 -10.11
N ASN A 115 -14.12 -18.16 -10.74
CA ASN A 115 -13.91 -19.51 -10.14
C ASN A 115 -13.18 -20.39 -11.13
N PRO A 116 -11.97 -19.96 -11.52
CA PRO A 116 -11.19 -20.69 -12.50
C PRO A 116 -10.75 -22.06 -11.96
N PRO A 117 -10.66 -23.07 -12.84
CA PRO A 117 -10.18 -24.36 -12.34
C PRO A 117 -8.65 -24.35 -12.05
N ASN A 118 -8.20 -25.36 -11.31
CA ASN A 118 -6.79 -25.55 -11.11
C ASN A 118 -6.04 -25.55 -12.45
N ASN A 119 -4.86 -24.93 -12.41
CA ASN A 119 -3.93 -24.77 -13.53
C ASN A 119 -4.35 -23.74 -14.57
N THR A 120 -5.31 -22.89 -14.20
CA THR A 120 -5.66 -21.74 -15.04
C THR A 120 -4.45 -20.83 -15.10
N GLU A 121 -4.07 -20.46 -16.31
CA GLU A 121 -2.93 -19.55 -16.52
C GLU A 121 -3.29 -18.15 -16.06
N THR A 122 -2.27 -17.38 -15.71
CA THR A 122 -2.46 -15.98 -15.40
C THR A 122 -1.85 -15.16 -16.52
N VAL A 123 -2.45 -13.98 -16.75
CA VAL A 123 -2.08 -13.11 -17.83
C VAL A 123 -2.17 -11.66 -17.40
N ILE A 124 -1.50 -10.80 -18.14
CA ILE A 124 -1.66 -9.36 -18.08
C ILE A 124 -3.01 -8.94 -18.72
N HIS A 125 -3.73 -8.01 -18.09
CA HIS A 125 -4.86 -7.39 -18.75
C HIS A 125 -5.16 -6.06 -18.08
N GLY A 126 -5.63 -5.08 -18.85
CA GLY A 126 -5.89 -3.76 -18.30
C GLY A 126 -7.17 -3.62 -17.51
N ASP A 127 -8.08 -4.58 -17.64
CA ASP A 127 -9.43 -4.45 -17.04
C ASP A 127 -9.31 -4.56 -15.50
N LYS A 128 -10.23 -3.89 -14.81
CA LYS A 128 -10.38 -3.97 -13.33
C LYS A 128 -11.79 -4.48 -13.04
N HIS A 129 -11.88 -5.53 -12.24
CA HIS A 129 -13.12 -6.18 -11.85
C HIS A 129 -12.80 -7.15 -10.72
N ALA A 130 -13.83 -7.73 -10.13
CA ALA A 130 -13.66 -8.57 -8.95
C ALA A 130 -12.79 -9.81 -9.17
N ALA A 131 -12.82 -10.35 -10.39
CA ALA A 131 -12.10 -11.55 -10.75
C ALA A 131 -10.61 -11.32 -10.93
N MET A 132 -10.13 -10.06 -10.88
CA MET A 132 -8.65 -9.86 -10.93
C MET A 132 -8.07 -9.43 -9.58
N GLU A 133 -8.88 -9.52 -8.53
CA GLU A 133 -8.43 -9.14 -7.23
C GLU A 133 -7.60 -10.25 -6.57
N PHE A 134 -6.55 -9.83 -5.86
CA PHE A 134 -5.67 -10.71 -5.11
C PHE A 134 -5.41 -10.14 -3.74
N ILE A 135 -5.27 -11.03 -2.76
CA ILE A 135 -4.86 -10.64 -1.40
C ILE A 135 -3.65 -11.46 -1.01
N PHE A 136 -2.92 -10.96 0.00
CA PHE A 136 -1.58 -11.44 0.33
C PHE A 136 -1.60 -11.92 1.76
N VAL A 137 -1.49 -13.24 1.93
CA VAL A 137 -1.83 -13.87 3.21
C VAL A 137 -0.70 -14.73 3.79
N SER A 138 -0.81 -15.01 5.08
CA SER A 138 0.19 -15.78 5.79
C SER A 138 0.24 -17.21 5.30
N PRO A 139 1.45 -17.78 5.12
CA PRO A 139 1.56 -19.22 4.80
C PRO A 139 0.96 -20.11 5.89
N LYS A 140 0.86 -19.58 7.11
CA LYS A 140 0.28 -20.33 8.24
C LYS A 140 -1.21 -20.07 8.50
N ASN A 141 -1.78 -19.12 7.77
CA ASN A 141 -3.20 -18.82 7.89
C ASN A 141 -3.64 -18.09 6.65
N LYS A 142 -4.28 -18.83 5.74
CA LYS A 142 -4.62 -18.32 4.43
C LYS A 142 -5.71 -17.27 4.43
N ASP A 143 -6.28 -16.98 5.62
CA ASP A 143 -7.29 -15.91 5.73
C ASP A 143 -6.75 -14.65 6.38
N LYS A 144 -5.49 -14.68 6.79
CA LYS A 144 -4.88 -13.54 7.46
C LYS A 144 -3.98 -12.75 6.51
N ARG A 145 -4.39 -11.53 6.21
CA ARG A 145 -3.56 -10.65 5.41
C ARG A 145 -2.25 -10.30 6.15
N VAL A 146 -1.17 -10.28 5.39
CA VAL A 146 0.15 -9.86 5.89
C VAL A 146 0.69 -8.71 5.05
N LEU A 147 1.53 -7.90 5.67
CA LEU A 147 2.15 -6.77 4.99
C LEU A 147 3.32 -7.22 4.14
N VAL A 148 3.21 -7.01 2.84
CA VAL A 148 4.25 -7.51 1.92
C VAL A 148 5.41 -6.54 1.74
N TYR A 149 5.21 -5.28 2.09
CA TYR A 149 6.22 -4.22 1.97
C TYR A 149 7.13 -4.14 3.19
N ALA A 150 8.43 -4.05 2.97
CA ALA A 150 9.44 -3.84 4.04
C ALA A 150 10.73 -3.31 3.42
N THR B 2 11.09 4.62 8.15
CA THR B 2 11.26 5.66 7.09
C THR B 2 10.58 6.94 7.56
N THR B 3 11.33 8.05 7.51
CA THR B 3 10.79 9.35 7.83
C THR B 3 10.23 10.00 6.58
N PHE B 4 9.13 10.73 6.71
CA PHE B 4 8.47 11.33 5.57
C PHE B 4 7.73 12.59 5.95
N LEU B 5 7.41 13.37 4.92
CA LEU B 5 6.52 14.49 5.02
C LEU B 5 5.15 14.07 4.51
N ILE B 6 4.11 14.53 5.19
CA ILE B 6 2.73 14.29 4.76
C ILE B 6 2.26 15.52 3.95
N LYS B 7 2.19 15.34 2.65
CA LYS B 7 1.96 16.42 1.70
C LYS B 7 0.53 16.39 1.15
N HIS B 8 -0.20 17.45 1.40
CA HIS B 8 -1.51 17.63 0.83
C HIS B 8 -1.35 17.76 -0.68
N LYS B 9 -1.92 16.83 -1.41
CA LYS B 9 -1.58 16.68 -2.84
C LYS B 9 -2.01 17.88 -3.66
N ALA B 10 -3.22 18.40 -3.40
CA ALA B 10 -3.75 19.50 -4.20
C ALA B 10 -2.99 20.80 -3.99
N SER B 11 -2.57 21.08 -2.76
CA SER B 11 -1.95 22.39 -2.43
C SER B 11 -0.43 22.39 -2.29
N GLY B 12 0.15 21.23 -2.01
CA GLY B 12 1.56 21.14 -1.71
C GLY B 12 1.94 21.55 -0.32
N LYS B 13 0.95 21.85 0.53
CA LYS B 13 1.24 22.15 1.92
C LYS B 13 1.40 20.82 2.68
N PHE B 14 1.89 20.90 3.91
CA PHE B 14 2.23 19.69 4.69
C PHE B 14 1.50 19.67 6.03
N LEU B 15 1.36 18.46 6.58
CA LEU B 15 0.82 18.35 7.91
C LEU B 15 1.83 18.79 8.95
N HIS B 16 1.38 19.63 9.89
CA HIS B 16 2.21 20.17 10.97
C HIS B 16 1.43 20.14 12.26
N PRO B 17 2.11 20.00 13.43
CA PRO B 17 1.44 20.41 14.68
C PRO B 17 1.27 21.94 14.66
N TYR B 18 0.11 22.44 15.04
CA TYR B 18 -0.08 23.89 15.08
C TYR B 18 0.96 24.45 16.04
N GLY B 19 1.70 25.46 15.58
CA GLY B 19 2.78 26.04 16.36
C GLY B 19 4.15 25.47 16.11
N GLY B 20 4.24 24.31 15.48
CA GLY B 20 5.51 23.76 15.08
C GLY B 20 6.49 23.34 16.17
N SER B 21 5.99 22.95 17.33
CA SER B 21 6.87 22.60 18.46
C SER B 21 7.53 21.25 18.30
N SER B 22 8.75 21.11 18.83
CA SER B 22 9.37 19.80 18.98
C SER B 22 8.67 18.93 20.03
N ASN B 23 7.91 19.55 20.92
CA ASN B 23 7.09 18.81 21.90
C ASN B 23 5.71 19.46 22.11
N PRO B 24 4.81 19.29 21.12
CA PRO B 24 3.48 19.83 21.22
C PRO B 24 2.75 19.21 22.40
N ALA B 25 1.98 19.99 23.14
CA ALA B 25 1.17 19.42 24.21
C ALA B 25 0.19 18.39 23.65
N ASN B 26 -0.23 17.46 24.50
CA ASN B 26 -1.39 16.66 24.16
C ASN B 26 -2.59 17.52 23.67
N ASN B 27 -3.23 17.04 22.62
CA ASN B 27 -4.40 17.64 22.00
C ASN B 27 -4.08 18.88 21.14
N THR B 28 -2.79 19.10 20.83
CA THR B 28 -2.44 20.11 19.82
C THR B 28 -3.03 19.71 18.47
N LYS B 29 -3.70 20.62 17.80
CA LYS B 29 -4.31 20.40 16.51
C LYS B 29 -3.24 20.22 15.45
N LEU B 30 -3.59 19.43 14.47
CA LEU B 30 -2.76 19.22 13.31
C LEU B 30 -3.34 20.06 12.17
N VAL B 31 -2.49 20.91 11.61
CA VAL B 31 -2.86 21.85 10.55
C VAL B 31 -2.07 21.61 9.30
N LEU B 32 -2.43 22.31 8.22
CA LEU B 32 -1.59 22.35 7.02
C LEU B 32 -0.78 23.63 6.99
N HIS B 33 0.49 23.51 6.64
CA HIS B 33 1.38 24.69 6.54
C HIS B 33 2.44 24.42 5.46
N SER B 34 2.83 25.46 4.73
CA SER B 34 3.77 25.35 3.65
C SER B 34 5.26 25.10 4.08
N ASP B 35 5.61 25.40 5.33
CA ASP B 35 7.00 25.27 5.80
C ASP B 35 7.45 23.81 5.88
N ILE B 36 8.75 23.60 5.70
CA ILE B 36 9.37 22.33 5.94
C ILE B 36 10.46 22.49 7.00
N HIS B 37 10.42 21.60 8.00
CA HIS B 37 11.40 21.57 9.08
C HIS B 37 11.23 20.29 9.87
N GLU B 38 12.15 20.03 10.78
CA GLU B 38 12.22 18.71 11.42
C GLU B 38 11.02 18.43 12.35
N ARG B 39 10.30 19.49 12.76
CA ARG B 39 9.12 19.35 13.61
C ARG B 39 7.83 19.10 12.83
N MET B 40 7.96 18.80 11.52
CA MET B 40 6.81 18.32 10.74
C MET B 40 7.11 16.98 10.02
N TYR B 41 8.21 16.34 10.43
CA TYR B 41 8.51 14.98 10.00
C TYR B 41 7.64 13.97 10.73
N PHE B 42 7.23 12.93 10.01
CA PHE B 42 6.43 11.81 10.53
C PHE B 42 7.07 10.49 10.20
N GLN B 43 6.69 9.47 10.97
CA GLN B 43 7.02 8.07 10.72
C GLN B 43 5.74 7.29 10.90
N PHE B 44 5.70 6.08 10.40
CA PHE B 44 4.53 5.24 10.50
C PHE B 44 4.94 3.94 11.18
N ASP B 45 4.30 3.65 12.32
CA ASP B 45 4.61 2.49 13.12
C ASP B 45 3.54 1.46 12.90
N VAL B 46 3.87 0.41 12.15
CA VAL B 46 2.90 -0.62 11.79
C VAL B 46 2.51 -1.42 13.01
N VAL B 47 1.19 -1.58 13.19
CA VAL B 47 0.62 -2.39 14.23
C VAL B 47 0.01 -3.70 13.72
N ASP B 48 -0.77 -3.63 12.65
CA ASP B 48 -1.44 -4.80 12.11
C ASP B 48 -1.66 -4.61 10.61
N GLU B 49 -0.72 -5.12 9.82
CA GLU B 49 -0.78 -5.07 8.36
C GLU B 49 -0.86 -3.63 7.89
N ARG B 50 -1.99 -3.17 7.34
CA ARG B 50 -2.08 -1.79 6.86
C ARG B 50 -2.19 -0.77 8.00
N TRP B 51 -2.64 -1.23 9.17
CA TRP B 51 -2.99 -0.33 10.27
C TRP B 51 -1.79 -0.03 11.16
N GLY B 52 -1.66 1.26 11.52
CA GLY B 52 -0.61 1.67 12.40
C GLY B 52 -0.76 3.06 12.94
N TYR B 53 0.28 3.53 13.64
CA TYR B 53 0.28 4.86 14.26
C TYR B 53 1.08 5.82 13.41
N ILE B 54 0.51 7.02 13.23
CA ILE B 54 1.23 8.10 12.52
C ILE B 54 1.95 8.93 13.59
N LYS B 55 3.27 8.81 13.63
CA LYS B 55 4.07 9.35 14.74
C LYS B 55 4.79 10.63 14.32
N HIS B 56 4.62 11.67 15.13
CA HIS B 56 5.39 12.90 15.02
C HIS B 56 6.79 12.62 15.54
N VAL B 57 7.77 12.69 14.65
CA VAL B 57 9.12 12.25 14.97
C VAL B 57 9.71 13.05 16.16
N ALA B 58 9.58 14.37 16.14
CA ALA B 58 10.23 15.20 17.18
C ALA B 58 9.75 14.91 18.62
N SER B 59 8.44 14.60 18.77
CA SER B 59 7.81 14.43 20.11
C SER B 59 7.49 12.97 20.47
N GLY B 60 7.40 12.12 19.44
CA GLY B 60 6.90 10.76 19.64
C GLY B 60 5.39 10.64 19.88
N LYS B 61 4.67 11.75 19.94
CA LYS B 61 3.23 11.70 19.99
C LYS B 61 2.68 11.24 18.62
N ILE B 62 1.46 10.73 18.61
CA ILE B 62 0.84 10.20 17.40
C ILE B 62 -0.49 10.91 17.11
N VAL B 63 -0.97 10.72 15.89
CA VAL B 63 -2.19 11.36 15.43
C VAL B 63 -3.41 10.61 16.01
N HIS B 64 -4.36 11.38 16.54
CA HIS B 64 -5.63 10.89 17.08
C HIS B 64 -6.78 11.75 16.55
N PRO B 65 -7.97 11.16 16.41
CA PRO B 65 -9.17 11.99 16.39
C PRO B 65 -9.38 12.55 17.79
N TYR B 66 -9.73 13.83 17.92
CA TYR B 66 -9.89 14.44 19.26
C TYR B 66 -11.00 13.75 20.03
N GLY B 67 -10.64 13.16 21.18
CA GLY B 67 -11.57 12.37 22.00
C GLY B 67 -11.42 10.88 21.81
N GLY B 68 -10.61 10.45 20.83
CA GLY B 68 -10.31 9.02 20.72
C GLY B 68 -11.46 8.09 20.35
N GLN B 69 -12.32 8.53 19.44
CA GLN B 69 -13.44 7.71 18.94
C GLN B 69 -12.98 6.64 17.99
N ALA B 70 -13.65 5.50 18.05
CA ALA B 70 -13.47 4.46 17.04
C ALA B 70 -14.13 4.88 15.73
N ASN B 71 -15.23 5.63 15.84
CA ASN B 71 -16.01 6.10 14.68
C ASN B 71 -16.25 7.58 14.80
N PRO B 72 -15.16 8.35 14.71
CA PRO B 72 -15.30 9.80 14.89
C PRO B 72 -16.26 10.40 13.90
N PRO B 73 -17.15 11.29 14.37
CA PRO B 73 -18.01 11.96 13.39
C PRO B 73 -17.27 12.90 12.45
N ASN B 74 -17.91 13.17 11.31
CA ASN B 74 -17.41 14.20 10.41
C ASN B 74 -17.15 15.49 11.18
N GLU B 75 -16.05 16.11 10.80
CA GLU B 75 -15.50 17.36 11.38
C GLU B 75 -14.76 17.22 12.70
N THR B 76 -14.61 15.99 13.21
CA THR B 76 -13.78 15.79 14.39
C THR B 76 -12.37 16.28 14.11
N ASN B 77 -11.80 17.09 14.99
CA ASN B 77 -10.43 17.58 14.78
C ASN B 77 -9.38 16.47 14.92
N MET B 78 -8.34 16.54 14.08
CA MET B 78 -7.15 15.74 14.26
C MET B 78 -6.20 16.45 15.20
N VAL B 79 -5.65 15.69 16.14
CA VAL B 79 -4.69 16.21 17.10
C VAL B 79 -3.53 15.22 17.31
N LEU B 80 -2.48 15.69 17.96
CA LEU B 80 -1.48 14.80 18.50
C LEU B 80 -1.78 14.45 19.96
N HIS B 81 -1.48 13.21 20.31
CA HIS B 81 -1.61 12.77 21.68
C HIS B 81 -0.62 11.62 21.97
N GLN B 82 -0.08 11.56 23.17
CA GLN B 82 0.88 10.51 23.53
C GLN B 82 0.32 9.09 23.56
N ASP B 83 -0.97 8.95 23.79
CA ASP B 83 -1.56 7.63 24.05
C ASP B 83 -1.51 6.75 22.78
N ARG B 84 -1.49 5.44 23.00
CA ARG B 84 -1.52 4.43 21.96
C ARG B 84 -2.70 3.49 22.22
N HIS B 85 -3.60 3.41 21.25
CA HIS B 85 -4.73 2.47 21.31
C HIS B 85 -5.34 2.33 19.93
N ASP B 86 -6.31 1.42 19.78
CA ASP B 86 -6.84 1.12 18.47
C ASP B 86 -7.67 2.25 17.82
N ARG B 87 -8.01 3.30 18.56
CA ARG B 87 -8.73 4.41 17.98
C ARG B 87 -7.77 5.47 17.38
N ALA B 88 -6.46 5.23 17.53
CA ALA B 88 -5.42 6.04 16.89
C ALA B 88 -4.79 5.27 15.71
N LEU B 89 -5.45 4.22 15.23
CA LEU B 89 -4.97 3.51 14.04
C LEU B 89 -5.40 4.15 12.73
N PHE B 90 -4.45 4.21 11.79
CA PHE B 90 -4.69 4.72 10.45
C PHE B 90 -4.01 3.80 9.44
N ALA B 91 -4.46 3.90 8.20
CA ALA B 91 -3.80 3.25 7.08
C ALA B 91 -3.35 4.33 6.11
N MET B 92 -2.10 4.18 5.60
CA MET B 92 -1.50 5.18 4.72
C MET B 92 -1.67 4.66 3.31
N ASP B 93 -2.76 5.02 2.69
CA ASP B 93 -3.13 4.47 1.37
C ASP B 93 -2.39 5.22 0.26
N PHE B 94 -1.22 4.68 -0.10
CA PHE B 94 -0.34 5.27 -1.09
C PHE B 94 -0.70 4.88 -2.51
N PHE B 95 -1.75 4.07 -2.67
CA PHE B 95 -2.31 3.79 -3.99
C PHE B 95 -3.46 4.73 -4.38
N ASN B 96 -4.41 4.95 -3.48
CA ASN B 96 -5.47 5.91 -3.67
C ASN B 96 -5.14 7.36 -3.19
N ASP B 97 -3.99 7.49 -2.54
CA ASP B 97 -3.44 8.74 -1.99
C ASP B 97 -4.37 9.36 -0.96
N ASN B 98 -4.63 8.62 0.11
CA ASN B 98 -5.37 9.15 1.23
C ASN B 98 -4.93 8.54 2.55
N ILE B 99 -5.38 9.12 3.65
CA ILE B 99 -5.08 8.61 4.97
C ILE B 99 -6.42 8.27 5.61
N MET B 100 -6.64 6.98 5.83
CA MET B 100 -7.89 6.47 6.38
C MET B 100 -7.77 6.10 7.87
N HIS B 101 -8.68 6.62 8.68
CA HIS B 101 -8.76 6.23 10.10
C HIS B 101 -9.43 4.82 10.17
N LYS B 102 -9.15 4.09 11.24
CA LYS B 102 -9.71 2.75 11.46
C LYS B 102 -11.23 2.66 11.28
N GLY B 103 -11.94 3.73 11.59
CA GLY B 103 -13.37 3.76 11.45
C GLY B 103 -13.89 3.94 10.04
N GLY B 104 -12.99 4.15 9.08
CA GLY B 104 -13.34 4.23 7.66
C GLY B 104 -13.44 5.60 7.02
N LYS B 105 -13.28 6.68 7.82
CA LYS B 105 -13.23 8.04 7.34
C LYS B 105 -11.80 8.49 7.11
N TYR B 106 -11.64 9.69 6.53
CA TYR B 106 -10.36 10.15 6.04
C TYR B 106 -9.93 11.46 6.72
N ILE B 107 -8.61 11.75 6.68
CA ILE B 107 -8.14 13.07 7.04
C ILE B 107 -8.39 14.04 5.89
N HIS B 108 -8.99 15.19 6.23
CA HIS B 108 -9.30 16.29 5.30
C HIS B 108 -8.79 17.59 5.83
N PRO B 109 -8.47 18.54 4.95
CA PRO B 109 -8.50 19.94 5.45
C PRO B 109 -9.92 20.38 5.79
N LYS B 110 -10.09 21.08 6.93
CA LYS B 110 -11.38 21.57 7.35
C LYS B 110 -11.88 22.56 6.31
N GLY B 111 -13.07 22.29 5.79
CA GLY B 111 -13.59 23.01 4.67
C GLY B 111 -13.43 22.42 3.25
N GLY B 112 -12.50 21.51 3.09
CA GLY B 112 -12.30 20.80 1.82
C GLY B 112 -11.73 21.59 0.65
N SER B 113 -10.97 22.67 0.93
CA SER B 113 -10.33 23.44 -0.10
C SER B 113 -9.17 22.71 -0.78
N PRO B 114 -9.10 22.77 -2.12
CA PRO B 114 -7.90 22.36 -2.83
C PRO B 114 -6.65 23.22 -2.51
N ASN B 115 -6.87 24.41 -1.96
CA ASN B 115 -5.77 25.31 -1.58
C ASN B 115 -6.01 25.98 -0.25
N PRO B 116 -5.99 25.19 0.83
CA PRO B 116 -6.25 25.77 2.15
C PRO B 116 -5.11 26.68 2.54
N PRO B 117 -5.41 27.80 3.20
CA PRO B 117 -4.36 28.68 3.67
C PRO B 117 -3.57 28.04 4.80
N ASN B 118 -2.36 28.57 5.05
CA ASN B 118 -1.57 28.19 6.20
C ASN B 118 -2.40 28.17 7.47
N ASN B 119 -2.15 27.12 8.27
CA ASN B 119 -2.78 26.91 9.56
C ASN B 119 -4.22 26.46 9.51
N THR B 120 -4.68 26.02 8.34
CA THR B 120 -5.97 25.36 8.22
C THR B 120 -5.97 24.06 9.02
N GLU B 121 -6.96 23.88 9.88
CA GLU B 121 -7.05 22.68 10.72
C GLU B 121 -7.39 21.48 9.84
N THR B 122 -6.97 20.28 10.28
CA THR B 122 -7.44 19.05 9.66
C THR B 122 -8.48 18.34 10.52
N VAL B 123 -9.38 17.62 9.84
CA VAL B 123 -10.49 16.97 10.45
C VAL B 123 -10.74 15.62 9.80
N ILE B 124 -11.50 14.77 10.50
CA ILE B 124 -12.07 13.56 9.93
C ILE B 124 -13.25 13.90 9.02
N HIS B 125 -13.35 13.26 7.86
CA HIS B 125 -14.57 13.36 7.06
C HIS B 125 -14.64 12.14 6.14
N GLY B 126 -15.84 11.61 5.97
CA GLY B 126 -16.02 10.44 5.15
C GLY B 126 -15.92 10.61 3.65
N ASP B 127 -16.04 11.86 3.18
CA ASP B 127 -16.03 12.12 1.74
C ASP B 127 -14.66 11.80 1.11
N LYS B 128 -14.72 11.40 -0.15
CA LYS B 128 -13.52 11.21 -0.97
C LYS B 128 -13.62 12.19 -2.16
N HIS B 129 -12.54 12.96 -2.36
CA HIS B 129 -12.41 13.88 -3.49
C HIS B 129 -10.95 14.29 -3.58
N ALA B 130 -10.60 15.11 -4.57
CA ALA B 130 -9.22 15.47 -4.82
C ALA B 130 -8.55 16.26 -3.65
N ALA B 131 -9.36 17.02 -2.92
CA ALA B 131 -8.84 17.87 -1.87
C ALA B 131 -8.58 17.17 -0.55
N MET B 132 -8.87 15.87 -0.48
CA MET B 132 -8.46 15.10 0.72
C MET B 132 -7.31 14.12 0.42
N GLU B 133 -6.70 14.23 -0.76
CA GLU B 133 -5.59 13.38 -1.13
C GLU B 133 -4.26 13.85 -0.48
N PHE B 134 -3.45 12.90 -0.05
CA PHE B 134 -2.12 13.12 0.52
C PHE B 134 -1.15 12.14 -0.09
N ILE B 135 0.08 12.60 -0.28
CA ILE B 135 1.19 11.77 -0.69
C ILE B 135 2.30 11.90 0.35
N PHE B 136 3.20 10.94 0.34
CA PHE B 136 4.16 10.76 1.44
C PHE B 136 5.55 10.84 0.84
N VAL B 137 6.26 11.92 1.16
CA VAL B 137 7.46 12.27 0.42
C VAL B 137 8.72 12.37 1.25
N SER B 138 9.85 12.35 0.57
CA SER B 138 11.14 12.40 1.27
C SER B 138 11.38 13.76 1.94
N PRO B 139 11.91 13.76 3.18
CA PRO B 139 12.32 15.04 3.79
C PRO B 139 13.41 15.76 3.00
N LYS B 140 14.13 15.06 2.12
CA LYS B 140 15.17 15.69 1.27
C LYS B 140 14.70 16.06 -0.14
N ASN B 141 13.49 15.66 -0.51
CA ASN B 141 12.96 15.95 -1.84
C ASN B 141 11.46 15.81 -1.79
N LYS B 142 10.79 16.94 -1.63
CA LYS B 142 9.34 17.00 -1.43
C LYS B 142 8.48 16.54 -2.59
N ASP B 143 9.10 16.21 -3.73
CA ASP B 143 8.43 15.65 -4.88
C ASP B 143 8.64 14.15 -5.02
N LYS B 144 9.48 13.53 -4.17
CA LYS B 144 9.82 12.11 -4.29
C LYS B 144 9.02 11.31 -3.26
N ARG B 145 8.10 10.50 -3.76
CA ARG B 145 7.37 9.60 -2.86
C ARG B 145 8.33 8.60 -2.23
N VAL B 146 8.10 8.29 -0.95
CA VAL B 146 8.84 7.29 -0.25
C VAL B 146 7.89 6.24 0.38
N LEU B 147 8.40 5.05 0.55
CA LEU B 147 7.61 3.96 1.14
C LEU B 147 7.51 4.13 2.64
N VAL B 148 6.29 4.29 3.14
CA VAL B 148 6.12 4.52 4.59
C VAL B 148 6.01 3.25 5.41
N TYR B 149 5.76 2.13 4.74
CA TYR B 149 5.60 0.82 5.37
C TYR B 149 6.91 0.09 5.45
N ALA B 150 7.31 -0.26 6.66
CA ALA B 150 8.49 -1.12 6.93
C ALA B 150 8.23 -1.96 8.19
#